data_3T4S
#
_entry.id   3T4S
#
_cell.length_a   59.860
_cell.length_b   59.860
_cell.length_c   297.870
_cell.angle_alpha   90.00
_cell.angle_beta   90.00
_cell.angle_gamma   120.00
#
_symmetry.space_group_name_H-M   'P 32 2 1'
#
loop_
_entity.id
_entity.type
_entity.pdbx_description
1 polymer 'Histidine kinase 4'
2 non-polymer N-(FURAN-2-YLMETHYL)-7H-PURIN-6-AMINE
3 non-polymer 'MALONATE ION'
4 water water
#
_entity_poly.entity_id   1
_entity_poly.type   'polypeptide(L)'
_entity_poly.pdbx_seq_one_letter_code
;MDDANKIRREEVLVSMCDQRARMLQDQFSVSVNHVHALAILVSTFHYHKNPSAIDQETFAEYTARTAFERPLLSGVAYAE
KVVNFEREMFERQHNWVIKTMDRGEPSPVRDEYAPVIFSQDSVSYLESLDMMSGEEDRENILRARETGKAVLTSPFRLLE
THHLGVVLTFPVYKSSLPENPTVEERIAATAGYLGGAFDVESLVENLLGQLAGNQAIVVHVYDITNASDPLVMYGNQDEE
ADRSLSHESKLDFGDPFRKHKMICRYHQKA
;
_entity_poly.pdbx_strand_id   A,B
#
# COMPACT_ATOMS: atom_id res chain seq x y z
N ASP A 2 34.62 -26.33 16.50
CA ASP A 2 35.93 -25.66 16.76
C ASP A 2 35.77 -24.15 16.62
N ASP A 3 36.89 -23.45 16.42
CA ASP A 3 36.88 -22.00 16.17
C ASP A 3 36.19 -21.69 14.84
N ALA A 4 36.32 -22.59 13.86
CA ALA A 4 35.59 -22.48 12.60
C ALA A 4 34.08 -22.51 12.82
N ASN A 5 33.61 -23.50 13.58
CA ASN A 5 32.17 -23.68 13.81
C ASN A 5 31.56 -22.53 14.61
N LYS A 6 32.32 -21.96 15.55
CA LYS A 6 31.85 -20.80 16.33
CA LYS A 6 31.87 -20.80 16.34
C LYS A 6 31.68 -19.55 15.46
N ILE A 7 32.61 -19.34 14.52
CA ILE A 7 32.51 -18.21 13.60
C ILE A 7 31.26 -18.34 12.73
N ARG A 8 31.03 -19.54 12.20
CA ARG A 8 29.83 -19.83 11.42
C ARG A 8 28.53 -19.71 12.25
N ARG A 9 28.58 -20.08 13.53
CA ARG A 9 27.43 -19.95 14.43
CA ARG A 9 27.42 -19.95 14.42
C ARG A 9 27.02 -18.48 14.56
N GLU A 10 28.01 -17.60 14.69
CA GLU A 10 27.72 -16.16 14.73
C GLU A 10 27.23 -15.65 13.39
N GLU A 11 27.82 -16.16 12.30
CA GLU A 11 27.42 -15.71 10.97
C GLU A 11 25.95 -16.02 10.69
N VAL A 12 25.49 -17.17 11.17
CA VAL A 12 24.12 -17.58 10.95
C VAL A 12 23.20 -16.70 11.80
N LEU A 13 23.57 -16.44 13.05
CA LEU A 13 22.75 -15.56 13.91
C LEU A 13 22.59 -14.17 13.30
N VAL A 14 23.70 -13.56 12.86
CA VAL A 14 23.66 -12.26 12.20
C VAL A 14 22.66 -12.28 11.04
N SER A 15 22.82 -13.27 10.15
CA SER A 15 21.95 -13.37 8.97
C SER A 15 20.48 -13.54 9.34
N MET A 16 20.20 -14.43 10.27
CA MET A 16 18.83 -14.69 10.70
C MET A 16 18.20 -13.46 11.33
N CYS A 17 18.98 -12.75 12.16
CA CYS A 17 18.48 -11.59 12.89
C CYS A 17 18.26 -10.43 11.92
N ASP A 18 19.24 -10.17 11.06
CA ASP A 18 19.10 -9.11 10.08
C ASP A 18 17.91 -9.35 9.17
N GLN A 19 17.70 -10.60 8.73
CA GLN A 19 16.56 -10.89 7.85
C GLN A 19 15.23 -10.62 8.56
N ARG A 20 15.10 -11.07 9.81
CA ARG A 20 13.89 -10.82 10.58
C ARG A 20 13.63 -9.32 10.80
N ALA A 21 14.70 -8.55 11.07
CA ALA A 21 14.57 -7.11 11.24
C ALA A 21 14.09 -6.45 9.93
N ARG A 22 14.66 -6.85 8.81
CA ARG A 22 14.25 -6.31 7.50
C ARG A 22 12.79 -6.61 7.25
N MET A 23 12.37 -7.83 7.55
CA MET A 23 10.99 -8.22 7.31
C MET A 23 10.04 -7.38 8.16
N LEU A 24 10.37 -7.22 9.44
CA LEU A 24 9.55 -6.43 10.34
CA LEU A 24 9.51 -6.42 10.34
C LEU A 24 9.45 -4.97 9.88
N GLN A 25 10.59 -4.41 9.50
CA GLN A 25 10.63 -3.00 9.11
C GLN A 25 9.84 -2.80 7.82
N ASP A 26 10.02 -3.70 6.88
CA ASP A 26 9.37 -3.58 5.59
CA ASP A 26 9.33 -3.61 5.57
C ASP A 26 7.85 -3.72 5.73
N GLN A 27 7.43 -4.73 6.48
CA GLN A 27 6.02 -4.98 6.80
CA GLN A 27 6.00 -4.93 6.67
C GLN A 27 5.35 -3.77 7.42
N PHE A 28 6.05 -3.14 8.37
CA PHE A 28 5.48 -1.99 9.05
CA PHE A 28 5.57 -1.97 9.07
C PHE A 28 5.40 -0.81 8.08
N SER A 29 6.43 -0.60 7.28
CA SER A 29 6.44 0.46 6.27
C SER A 29 5.24 0.34 5.28
N VAL A 30 4.99 -0.88 4.82
CA VAL A 30 3.85 -1.16 3.92
C VAL A 30 2.56 -0.77 4.63
N SER A 31 2.43 -1.15 5.88
CA SER A 31 1.21 -0.83 6.66
C SER A 31 1.02 0.65 6.89
N VAL A 32 2.10 1.36 7.23
CA VAL A 32 2.05 2.81 7.41
C VAL A 32 1.58 3.46 6.09
N ASN A 33 2.10 3.02 4.96
CA ASN A 33 1.76 3.65 3.70
C ASN A 33 0.29 3.46 3.35
N HIS A 34 -0.25 2.30 3.69
CA HIS A 34 -1.66 2.05 3.39
C HIS A 34 -2.58 2.77 4.37
N VAL A 35 -2.13 2.97 5.62
CA VAL A 35 -2.86 3.84 6.53
C VAL A 35 -2.88 5.28 6.02
N HIS A 36 -1.79 5.75 5.43
CA HIS A 36 -1.74 7.06 4.88
C HIS A 36 -2.82 7.17 3.74
N ALA A 37 -2.90 6.15 2.92
CA ALA A 37 -3.90 6.19 1.87
C ALA A 37 -5.30 6.26 2.45
N LEU A 38 -5.58 5.57 3.56
CA LEU A 38 -6.89 5.64 4.21
C LEU A 38 -7.20 7.04 4.74
N ALA A 39 -6.19 7.71 5.29
CA ALA A 39 -6.38 9.09 5.69
C ALA A 39 -6.79 9.99 4.51
N ILE A 40 -6.15 9.78 3.36
CA ILE A 40 -6.47 10.50 2.13
C ILE A 40 -7.89 10.10 1.66
N LEU A 41 -8.23 8.83 1.81
CA LEU A 41 -9.60 8.34 1.47
C LEU A 41 -10.65 9.09 2.30
N VAL A 42 -10.44 9.21 3.60
CA VAL A 42 -11.42 9.90 4.42
C VAL A 42 -11.49 11.38 4.03
N SER A 43 -10.34 12.01 3.81
CA SER A 43 -10.37 13.40 3.36
C SER A 43 -11.15 13.61 2.05
N THR A 44 -10.90 12.75 1.07
CA THR A 44 -11.45 12.91 -0.28
C THR A 44 -12.92 12.51 -0.31
N PHE A 45 -13.23 11.36 0.28
CA PHE A 45 -14.59 10.80 0.16
C PHE A 45 -15.57 11.16 1.25
N HIS A 46 -15.09 11.55 2.42
CA HIS A 46 -15.99 11.96 3.52
C HIS A 46 -16.10 13.47 3.56
N TYR A 47 -14.97 14.18 3.65
CA TYR A 47 -14.97 15.62 3.74
C TYR A 47 -15.16 16.36 2.44
N HIS A 48 -14.35 16.11 1.42
CA HIS A 48 -14.41 16.88 0.22
C HIS A 48 -15.68 16.62 -0.57
N LYS A 49 -16.10 15.38 -0.62
CA LYS A 49 -17.26 15.00 -1.41
C LYS A 49 -18.52 15.51 -0.74
N ASN A 50 -19.41 16.09 -1.54
CA ASN A 50 -20.70 16.61 -1.06
C ASN A 50 -21.81 15.85 -1.81
N PRO A 51 -22.49 14.90 -1.14
CA PRO A 51 -22.41 14.49 0.25
C PRO A 51 -21.31 13.47 0.48
N SER A 52 -20.97 13.24 1.75
CA SER A 52 -20.06 12.17 2.10
C SER A 52 -20.47 10.82 1.53
N ALA A 53 -19.47 10.12 1.01
CA ALA A 53 -19.64 8.74 0.55
C ALA A 53 -19.28 7.71 1.62
N ILE A 54 -18.82 8.16 2.77
CA ILE A 54 -18.40 7.22 3.81
C ILE A 54 -19.35 7.24 5.02
N ASP A 55 -20.04 6.15 5.23
CA ASP A 55 -20.70 5.83 6.48
C ASP A 55 -19.93 4.67 7.09
N GLN A 56 -20.33 4.30 8.29
CA GLN A 56 -19.67 3.22 9.01
C GLN A 56 -19.65 1.93 8.17
N GLU A 57 -20.77 1.60 7.52
CA GLU A 57 -20.87 0.39 6.73
CA GLU A 57 -20.88 0.38 6.68
C GLU A 57 -19.83 0.39 5.58
N THR A 58 -19.68 1.53 4.91
CA THR A 58 -18.73 1.66 3.83
C THR A 58 -17.27 1.57 4.31
N PHE A 59 -16.97 2.24 5.42
CA PHE A 59 -15.65 2.16 5.98
C PHE A 59 -15.31 0.73 6.40
N ALA A 60 -16.25 0.07 7.06
CA ALA A 60 -16.03 -1.30 7.48
C ALA A 60 -15.74 -2.20 6.29
N GLU A 61 -16.52 -2.04 5.22
CA GLU A 61 -16.33 -2.89 4.03
C GLU A 61 -15.00 -2.68 3.38
N TYR A 62 -14.66 -1.41 3.12
CA TYR A 62 -13.43 -1.11 2.42
C TYR A 62 -12.19 -1.57 3.20
N THR A 63 -12.21 -1.32 4.51
CA THR A 63 -11.10 -1.71 5.37
C THR A 63 -11.00 -3.23 5.50
N ALA A 64 -12.14 -3.93 5.59
CA ALA A 64 -12.10 -5.40 5.64
C ALA A 64 -11.47 -5.95 4.34
N ARG A 65 -11.91 -5.45 3.19
CA ARG A 65 -11.46 -5.96 1.89
C ARG A 65 -9.98 -5.65 1.63
N THR A 66 -9.47 -4.60 2.29
CA THR A 66 -8.07 -4.18 2.14
C THR A 66 -7.19 -4.53 3.34
N ALA A 67 -7.71 -5.37 4.25
CA ALA A 67 -6.94 -5.73 5.44
C ALA A 67 -5.57 -6.34 5.11
N PHE A 68 -5.48 -7.05 3.98
CA PHE A 68 -4.20 -7.59 3.49
C PHE A 68 -3.14 -6.53 3.17
N GLU A 69 -3.55 -5.29 2.95
CA GLU A 69 -2.62 -4.21 2.67
C GLU A 69 -1.89 -3.73 3.92
N ARG A 70 -2.41 -4.11 5.09
CA ARG A 70 -1.91 -3.58 6.35
C ARG A 70 -1.49 -4.73 7.27
N PRO A 71 -0.44 -5.45 6.86
CA PRO A 71 -0.12 -6.68 7.57
C PRO A 71 0.18 -6.54 9.04
N LEU A 72 0.72 -5.44 9.51
CA LEU A 72 1.02 -5.52 10.95
C LEU A 72 -0.03 -4.84 11.82
N LEU A 73 -1.22 -4.64 11.28
CA LEU A 73 -2.28 -3.91 11.99
C LEU A 73 -3.48 -4.81 12.28
N SER A 74 -3.96 -4.78 13.50
CA SER A 74 -5.15 -5.57 13.86
C SER A 74 -6.44 -4.87 13.46
N GLY A 75 -6.37 -3.55 13.24
CA GLY A 75 -7.55 -2.79 12.88
C GLY A 75 -7.20 -1.33 12.69
N VAL A 76 -8.07 -0.61 11.99
CA VAL A 76 -7.94 0.84 11.79
C VAL A 76 -9.27 1.50 12.12
N ALA A 77 -9.22 2.78 12.49
CA ALA A 77 -10.41 3.51 12.79
C ALA A 77 -10.17 4.98 12.55
N TYR A 78 -11.26 5.72 12.39
CA TYR A 78 -11.18 7.17 12.20
C TYR A 78 -11.93 7.88 13.33
N ALA A 79 -11.18 8.77 14.02
CA ALA A 79 -11.68 9.55 15.14
C ALA A 79 -11.81 11.00 14.70
N GLU A 80 -12.96 11.60 15.00
CA GLU A 80 -13.18 12.98 14.57
C GLU A 80 -12.85 13.93 15.71
N LYS A 81 -12.22 15.04 15.41
CA LYS A 81 -12.01 16.09 16.41
C LYS A 81 -13.34 16.76 16.77
N VAL A 82 -13.65 16.83 18.06
CA VAL A 82 -14.85 17.48 18.55
C VAL A 82 -14.44 18.36 19.71
N VAL A 83 -14.63 19.66 19.59
CA VAL A 83 -14.34 20.53 20.74
CA VAL A 83 -14.36 20.59 20.68
C VAL A 83 -15.58 20.64 21.60
N ASN A 84 -15.40 21.01 22.87
CA ASN A 84 -16.50 20.90 23.79
C ASN A 84 -17.72 21.74 23.42
N PHE A 85 -17.50 22.88 22.78
CA PHE A 85 -18.64 23.73 22.41
CA PHE A 85 -18.58 23.75 22.34
C PHE A 85 -19.55 23.01 21.45
N GLU A 86 -19.03 22.03 20.72
CA GLU A 86 -19.75 21.25 19.72
C GLU A 86 -20.28 19.90 20.21
N ARG A 87 -19.92 19.50 21.43
CA ARG A 87 -20.16 18.12 21.85
C ARG A 87 -21.64 17.76 21.82
N GLU A 88 -22.48 18.61 22.40
CA GLU A 88 -23.93 18.31 22.45
C GLU A 88 -24.51 18.15 21.06
N MET A 89 -24.11 19.02 20.15
CA MET A 89 -24.53 18.94 18.75
CA MET A 89 -24.58 18.90 18.75
C MET A 89 -24.10 17.61 18.12
N PHE A 90 -22.82 17.28 18.31
CA PHE A 90 -22.25 16.06 17.77
C PHE A 90 -23.03 14.84 18.28
N GLU A 91 -23.29 14.79 19.58
CA GLU A 91 -23.98 13.64 20.17
C GLU A 91 -25.41 13.50 19.66
N ARG A 92 -26.09 14.63 19.48
CA ARG A 92 -27.46 14.64 18.98
CA ARG A 92 -27.46 14.60 19.00
C ARG A 92 -27.51 14.13 17.55
N GLN A 93 -26.54 14.53 16.73
CA GLN A 93 -26.54 14.15 15.33
C GLN A 93 -26.25 12.66 15.19
N HIS A 94 -25.35 12.15 16.02
CA HIS A 94 -24.97 10.73 15.99
C HIS A 94 -25.91 9.82 16.78
N ASN A 95 -26.69 10.40 17.70
CA ASN A 95 -27.55 9.67 18.62
C ASN A 95 -26.76 8.69 19.48
N TRP A 96 -25.58 9.15 19.89
CA TRP A 96 -24.83 8.48 20.93
C TRP A 96 -23.94 9.43 21.65
N VAL A 97 -23.56 9.04 22.87
CA VAL A 97 -22.72 9.86 23.75
CA VAL A 97 -22.70 9.90 23.68
C VAL A 97 -21.25 9.47 23.61
N ILE A 98 -20.35 10.44 23.69
CA ILE A 98 -18.92 10.19 23.67
C ILE A 98 -18.54 9.49 24.99
N LYS A 99 -17.79 8.41 24.89
CA LYS A 99 -17.49 7.59 26.03
C LYS A 99 -16.00 7.61 26.33
N THR A 100 -15.65 7.24 27.55
CA THR A 100 -14.25 7.09 27.95
C THR A 100 -13.74 5.70 27.60
N MET A 101 -12.45 5.59 27.32
CA MET A 101 -11.94 4.29 26.91
C MET A 101 -11.74 3.34 28.09
N ASP A 102 -11.53 3.87 29.29
CA ASP A 102 -11.24 2.97 30.41
C ASP A 102 -12.45 2.15 30.86
N ARG A 103 -13.64 2.75 30.84
CA ARG A 103 -14.84 2.03 31.28
C ARG A 103 -16.06 2.10 30.34
N GLY A 104 -15.92 2.77 29.20
CA GLY A 104 -17.04 2.92 28.28
C GLY A 104 -18.17 3.73 28.86
N GLU A 105 -17.84 4.60 29.82
CA GLU A 105 -18.83 5.46 30.45
C GLU A 105 -18.90 6.80 29.74
N PRO A 106 -20.04 7.52 29.90
CA PRO A 106 -20.11 8.84 29.27
C PRO A 106 -18.94 9.73 29.71
N SER A 107 -18.29 10.38 28.76
CA SER A 107 -17.14 11.23 29.06
C SER A 107 -17.50 12.42 29.92
N PRO A 108 -16.64 12.73 30.92
CA PRO A 108 -16.76 14.00 31.60
C PRO A 108 -16.43 15.13 30.64
N VAL A 109 -16.65 16.35 31.10
CA VAL A 109 -16.38 17.51 30.30
C VAL A 109 -14.86 17.65 30.12
N ARG A 110 -14.46 17.76 28.86
CA ARG A 110 -13.04 17.98 28.45
C ARG A 110 -13.02 19.11 27.45
N ASP A 111 -11.86 19.74 27.21
CA ASP A 111 -11.82 20.84 26.23
C ASP A 111 -12.14 20.35 24.83
N GLU A 112 -11.65 19.15 24.51
CA GLU A 112 -11.89 18.52 23.22
C GLU A 112 -11.83 17.01 23.38
N TYR A 113 -12.24 16.32 22.31
CA TYR A 113 -12.38 14.86 22.30
C TYR A 113 -11.98 14.38 20.91
N ALA A 114 -11.74 13.09 20.82
CA ALA A 114 -11.49 12.43 19.55
C ALA A 114 -12.32 11.12 19.46
N PRO A 115 -13.65 11.23 19.38
CA PRO A 115 -14.48 10.00 19.31
C PRO A 115 -14.36 9.29 17.98
N VAL A 116 -14.26 7.97 18.06
CA VAL A 116 -14.23 7.13 16.88
C VAL A 116 -15.61 7.10 16.23
N ILE A 117 -15.68 7.49 14.96
CA ILE A 117 -16.90 7.46 14.18
C ILE A 117 -16.93 6.40 13.07
N PHE A 118 -15.75 5.99 12.61
CA PHE A 118 -15.66 4.88 11.67
C PHE A 118 -14.66 3.84 12.19
N SER A 119 -14.97 2.55 12.04
CA SER A 119 -14.07 1.52 12.53
C SER A 119 -14.14 0.29 11.67
N GLN A 120 -12.98 -0.34 11.44
CA GLN A 120 -12.95 -1.70 10.94
C GLN A 120 -13.62 -2.61 11.98
N ASP A 121 -14.38 -3.59 11.54
CA ASP A 121 -15.13 -4.43 12.48
C ASP A 121 -14.23 -5.15 13.49
N SER A 122 -13.00 -5.42 13.12
CA SER A 122 -12.03 -6.03 14.04
C SER A 122 -11.75 -5.16 15.27
N VAL A 123 -12.01 -3.85 15.19
CA VAL A 123 -11.88 -2.97 16.35
C VAL A 123 -13.19 -2.18 16.56
N SER A 124 -14.31 -2.86 16.35
CA SER A 124 -15.63 -2.22 16.47
C SER A 124 -15.90 -1.63 17.86
N TYR A 125 -15.27 -2.22 18.90
CA TYR A 125 -15.42 -1.75 20.29
C TYR A 125 -14.87 -0.34 20.47
N LEU A 126 -14.12 0.17 19.49
CA LEU A 126 -13.69 1.56 19.56
C LEU A 126 -14.79 2.58 19.25
N GLU A 127 -15.86 2.17 18.59
CA GLU A 127 -16.87 3.14 18.18
C GLU A 127 -17.41 3.92 19.41
N SER A 128 -17.41 5.24 19.26
CA SER A 128 -17.85 6.23 20.26
C SER A 128 -16.87 6.51 21.38
N LEU A 129 -15.80 5.72 21.48
CA LEU A 129 -14.74 6.05 22.45
C LEU A 129 -13.91 7.27 22.08
N ASP A 130 -13.67 8.09 23.09
CA ASP A 130 -12.83 9.27 22.94
C ASP A 130 -11.37 8.82 23.00
N MET A 131 -10.66 8.88 21.89
CA MET A 131 -9.29 8.40 21.83
CA MET A 131 -9.30 8.37 21.86
C MET A 131 -8.33 9.29 22.64
N MET A 132 -8.78 10.49 23.00
CA MET A 132 -7.97 11.33 23.91
CA MET A 132 -7.95 11.32 23.90
C MET A 132 -8.04 10.91 25.39
N SER A 133 -8.88 9.94 25.72
CA SER A 133 -9.05 9.47 27.07
C SER A 133 -8.08 8.35 27.51
N GLY A 134 -7.14 8.00 26.63
CA GLY A 134 -5.99 7.16 26.95
C GLY A 134 -4.76 7.97 26.67
N GLU A 135 -3.79 7.90 27.58
CA GLU A 135 -2.63 8.79 27.49
C GLU A 135 -1.78 8.53 26.29
N GLU A 136 -1.57 7.25 25.97
CA GLU A 136 -0.76 6.94 24.80
C GLU A 136 -1.40 7.48 23.52
N ASP A 137 -2.70 7.24 23.34
CA ASP A 137 -3.44 7.72 22.18
C ASP A 137 -3.49 9.24 22.15
N ARG A 138 -3.65 9.86 23.32
CA ARG A 138 -3.77 11.32 23.37
C ARG A 138 -2.48 11.98 22.91
N GLU A 139 -1.36 11.52 23.43
CA GLU A 139 -0.05 12.08 23.05
C GLU A 139 0.19 11.88 21.55
N ASN A 140 -0.21 10.71 21.05
CA ASN A 140 -0.07 10.42 19.61
C ASN A 140 -0.91 11.38 18.77
N ILE A 141 -2.14 11.62 19.17
CA ILE A 141 -3.04 12.52 18.45
C ILE A 141 -2.44 13.92 18.37
N LEU A 142 -1.96 14.42 19.50
CA LEU A 142 -1.36 15.73 19.50
C LEU A 142 -0.14 15.84 18.59
N ARG A 143 0.77 14.87 18.68
CA ARG A 143 2.00 14.92 17.89
C ARG A 143 1.69 14.74 16.40
N ALA A 144 0.72 13.88 16.09
CA ALA A 144 0.24 13.72 14.71
C ALA A 144 -0.22 15.04 14.14
N ARG A 145 -1.12 15.71 14.83
CA ARG A 145 -1.69 16.92 14.27
C ARG A 145 -0.71 18.07 14.21
N GLU A 146 0.21 18.15 15.18
CA GLU A 146 1.19 19.24 15.23
C GLU A 146 2.30 19.09 14.20
N THR A 147 2.66 17.84 13.87
CA THR A 147 3.73 17.56 12.91
C THR A 147 3.27 17.30 11.49
N GLY A 148 2.01 16.89 11.32
CA GLY A 148 1.52 16.50 10.01
C GLY A 148 1.98 15.15 9.52
N LYS A 149 2.57 14.33 10.40
CA LYS A 149 3.09 13.05 9.99
C LYS A 149 2.60 11.93 10.86
N ALA A 150 2.76 10.71 10.33
CA ALA A 150 2.48 9.47 11.06
C ALA A 150 3.34 9.46 12.32
N VAL A 151 2.73 9.07 13.44
CA VAL A 151 3.43 8.95 14.72
C VAL A 151 3.13 7.64 15.42
N LEU A 152 4.09 7.17 16.21
CA LEU A 152 3.98 5.94 16.98
C LEU A 152 4.02 6.17 18.49
N THR A 153 3.24 5.39 19.24
CA THR A 153 3.28 5.40 20.69
C THR A 153 4.45 4.55 21.19
N SER A 154 4.72 4.64 22.48
CA SER A 154 5.49 3.63 23.22
C SER A 154 4.67 2.34 23.27
N PRO A 155 5.33 1.19 23.57
CA PRO A 155 4.55 -0.02 23.68
C PRO A 155 3.62 0.04 24.88
N PHE A 156 2.39 -0.41 24.67
CA PHE A 156 1.42 -0.53 25.76
C PHE A 156 0.37 -1.59 25.45
N ARG A 157 -0.42 -1.97 26.46
CA ARG A 157 -1.44 -2.99 26.27
C ARG A 157 -2.73 -2.37 25.68
N LEU A 158 -3.08 -2.89 24.51
CA LEU A 158 -4.19 -2.40 23.74
C LEU A 158 -5.55 -2.75 24.35
N LEU A 159 -6.55 -1.96 24.01
CA LEU A 159 -7.91 -2.21 24.46
C LEU A 159 -8.41 -3.56 24.02
N GLU A 160 -9.16 -4.18 24.93
CA GLU A 160 -9.92 -5.41 24.71
C GLU A 160 -9.07 -6.68 24.69
N THR A 161 -8.02 -6.69 23.88
CA THR A 161 -7.14 -7.85 23.82
C THR A 161 -6.10 -7.82 24.92
N HIS A 162 -5.74 -6.62 25.34
CA HIS A 162 -4.62 -6.39 26.26
C HIS A 162 -3.30 -6.85 25.68
N HIS A 163 -3.21 -7.00 24.35
CA HIS A 163 -1.97 -7.42 23.76
C HIS A 163 -1.00 -6.26 23.77
N LEU A 164 0.28 -6.55 23.98
CA LEU A 164 1.32 -5.51 23.96
C LEU A 164 1.54 -5.06 22.53
N GLY A 165 1.35 -3.78 22.24
CA GLY A 165 1.47 -3.27 20.88
C GLY A 165 1.80 -1.79 20.86
N VAL A 166 1.72 -1.18 19.68
CA VAL A 166 1.88 0.27 19.55
C VAL A 166 0.76 0.78 18.65
N VAL A 167 0.43 2.05 18.81
CA VAL A 167 -0.56 2.68 17.95
C VAL A 167 0.12 3.65 16.98
N LEU A 168 -0.36 3.61 15.74
CA LEU A 168 0.05 4.49 14.64
C LEU A 168 -1.10 5.48 14.40
N THR A 169 -0.82 6.77 14.39
CA THR A 169 -1.85 7.77 14.17
C THR A 169 -1.39 8.77 13.09
N PHE A 170 -2.30 9.08 12.14
CA PHE A 170 -2.11 10.07 11.07
C PHE A 170 -3.14 11.15 11.27
N PRO A 171 -2.77 12.41 11.04
CA PRO A 171 -3.72 13.49 11.04
C PRO A 171 -4.50 13.60 9.72
N VAL A 172 -5.75 14.01 9.81
CA VAL A 172 -6.54 14.39 8.69
C VAL A 172 -6.92 15.85 8.86
N TYR A 173 -6.62 16.66 7.84
CA TYR A 173 -6.89 18.09 7.91
C TYR A 173 -8.04 18.51 6.99
N LYS A 174 -8.67 19.59 7.42
CA LYS A 174 -9.61 20.35 6.62
C LYS A 174 -8.92 21.05 5.44
N SER A 175 -9.70 21.37 4.40
CA SER A 175 -9.19 22.02 3.22
C SER A 175 -8.67 23.43 3.47
N SER A 176 -9.01 23.99 4.64
CA SER A 176 -8.56 25.32 5.03
C SER A 176 -7.11 25.33 5.51
N LEU A 177 -6.48 24.16 5.65
CA LEU A 177 -5.05 24.12 6.01
C LEU A 177 -4.23 24.94 5.01
N PRO A 178 -3.48 25.97 5.49
CA PRO A 178 -2.66 26.79 4.59
C PRO A 178 -1.49 26.02 3.98
N GLU A 179 -0.94 26.54 2.88
CA GLU A 179 0.32 26.01 2.38
C GLU A 179 1.40 26.40 3.41
N ASN A 180 2.39 25.53 3.56
CA ASN A 180 3.46 25.67 4.54
C ASN A 180 2.92 26.11 5.91
N PRO A 181 2.07 25.27 6.51
CA PRO A 181 1.37 25.68 7.72
C PRO A 181 2.28 25.74 8.95
N THR A 182 1.97 26.65 9.87
CA THR A 182 2.57 26.62 11.19
C THR A 182 1.89 25.53 12.03
N VAL A 183 2.48 25.21 13.17
CA VAL A 183 1.84 24.26 14.06
C VAL A 183 0.45 24.75 14.51
N GLU A 184 0.37 26.04 14.80
CA GLU A 184 -0.89 26.64 15.21
C GLU A 184 -1.94 26.50 14.12
N GLU A 185 -1.52 26.72 12.89
CA GLU A 185 -2.43 26.49 11.74
C GLU A 185 -2.86 25.02 11.59
N ARG A 186 -1.93 24.08 11.79
CA ARG A 186 -2.28 22.66 11.73
C ARG A 186 -3.35 22.28 12.75
N ILE A 187 -3.17 22.78 13.98
CA ILE A 187 -4.13 22.49 15.04
C ILE A 187 -5.53 23.00 14.60
N ALA A 188 -5.59 24.25 14.15
CA ALA A 188 -6.86 24.88 13.79
C ALA A 188 -7.55 24.19 12.65
N ALA A 189 -6.75 23.63 11.76
CA ALA A 189 -7.27 22.93 10.59
C ALA A 189 -7.49 21.44 10.77
N THR A 190 -7.31 20.89 11.97
CA THR A 190 -7.42 19.45 12.18
C THR A 190 -8.86 19.01 12.07
N ALA A 191 -9.12 17.98 11.24
CA ALA A 191 -10.43 17.36 11.19
C ALA A 191 -10.55 16.14 12.11
N GLY A 192 -9.49 15.36 12.16
CA GLY A 192 -9.49 14.12 12.91
C GLY A 192 -8.24 13.32 12.70
N TYR A 193 -8.33 12.04 13.05
CA TYR A 193 -7.18 11.20 13.22
C TYR A 193 -7.48 9.79 12.75
N LEU A 194 -6.64 9.28 11.86
CA LEU A 194 -6.78 7.92 11.35
CA LEU A 194 -6.78 7.92 11.38
C LEU A 194 -5.72 7.09 12.11
N GLY A 195 -6.17 6.12 12.89
CA GLY A 195 -5.29 5.33 13.75
C GLY A 195 -5.39 3.86 13.44
N GLY A 196 -4.31 3.17 13.73
CA GLY A 196 -4.20 1.74 13.53
C GLY A 196 -3.41 1.14 14.68
N ALA A 197 -3.82 -0.06 15.08
CA ALA A 197 -3.20 -0.77 16.18
C ALA A 197 -2.21 -1.80 15.61
N PHE A 198 -0.91 -1.62 15.89
CA PHE A 198 0.14 -2.60 15.67
CA PHE A 198 0.07 -2.66 15.63
C PHE A 198 0.05 -3.59 16.83
N ASP A 199 -0.59 -4.73 16.62
CA ASP A 199 -0.66 -5.78 17.64
C ASP A 199 0.61 -6.61 17.52
N VAL A 200 1.67 -6.09 18.15
CA VAL A 200 2.98 -6.69 18.04
C VAL A 200 2.98 -8.08 18.65
N GLU A 201 2.37 -8.20 19.86
CA GLU A 201 2.37 -9.47 20.59
C GLU A 201 1.82 -10.64 19.78
N SER A 202 0.71 -10.44 19.08
CA SER A 202 0.10 -11.51 18.29
C SER A 202 0.69 -11.60 16.87
N LEU A 203 0.78 -10.46 16.20
CA LEU A 203 1.04 -10.48 14.76
C LEU A 203 2.52 -10.59 14.43
N VAL A 204 3.40 -10.06 15.28
CA VAL A 204 4.85 -10.30 15.13
C VAL A 204 5.21 -11.74 15.51
N GLU A 205 4.56 -12.28 16.55
CA GLU A 205 4.73 -13.72 16.87
C GLU A 205 4.31 -14.61 15.68
N ASN A 206 3.17 -14.28 15.09
CA ASN A 206 2.69 -15.01 13.93
C ASN A 206 3.68 -14.93 12.77
N LEU A 207 4.22 -13.73 12.52
CA LEU A 207 5.19 -13.54 11.44
C LEU A 207 6.46 -14.34 11.69
N LEU A 208 7.03 -14.20 12.88
CA LEU A 208 8.28 -14.93 13.23
C LEU A 208 8.12 -16.43 13.33
N GLY A 209 6.98 -16.89 13.84
CA GLY A 209 6.77 -18.32 14.06
C GLY A 209 6.64 -19.18 12.81
N GLN A 210 6.41 -18.53 11.67
CA GLN A 210 6.30 -19.24 10.42
C GLN A 210 7.67 -19.45 9.78
N LEU A 211 8.71 -18.79 10.29
CA LEU A 211 10.01 -18.77 9.64
C LEU A 211 10.84 -19.97 10.05
N ALA A 212 11.53 -20.57 9.09
CA ALA A 212 12.39 -21.70 9.40
C ALA A 212 13.47 -21.25 10.38
N GLY A 213 13.81 -22.11 11.32
CA GLY A 213 14.82 -21.80 12.33
C GLY A 213 14.29 -21.02 13.53
N ASN A 214 12.98 -20.75 13.55
CA ASN A 214 12.40 -19.94 14.62
C ASN A 214 12.62 -20.56 16.01
N GLN A 215 12.65 -21.89 16.09
CA GLN A 215 12.82 -22.57 17.37
C GLN A 215 14.24 -22.38 17.92
N ALA A 216 15.20 -22.07 17.03
CA ALA A 216 16.61 -21.98 17.43
C ALA A 216 17.01 -20.63 18.01
N ILE A 217 16.17 -19.61 17.76
CA ILE A 217 16.49 -18.22 18.00
C ILE A 217 15.47 -17.61 18.94
N VAL A 218 15.93 -16.65 19.73
CA VAL A 218 15.10 -15.86 20.63
C VAL A 218 15.18 -14.44 20.09
N VAL A 219 14.03 -13.82 19.79
CA VAL A 219 13.97 -12.49 19.20
C VAL A 219 13.28 -11.53 20.17
N HIS A 220 13.94 -10.42 20.47
CA HIS A 220 13.35 -9.31 21.23
C HIS A 220 13.42 -8.01 20.44
N VAL A 221 12.39 -7.17 20.60
CA VAL A 221 12.41 -5.83 20.02
C VAL A 221 12.20 -4.86 21.18
N TYR A 222 13.02 -3.82 21.20
CA TYR A 222 12.92 -2.77 22.21
C TYR A 222 12.68 -1.42 21.61
N ASP A 223 11.88 -0.62 22.34
CA ASP A 223 11.80 0.81 22.14
C ASP A 223 12.90 1.44 23.00
N ILE A 224 13.87 2.05 22.34
CA ILE A 224 15.05 2.65 23.01
C ILE A 224 15.05 4.16 22.83
N THR A 225 13.87 4.76 22.65
CA THR A 225 13.72 6.22 22.60
C THR A 225 14.47 6.91 23.74
N ASN A 226 14.29 6.38 24.95
CA ASN A 226 15.05 6.80 26.12
C ASN A 226 16.12 5.72 26.37
N ALA A 227 17.38 6.07 26.13
CA ALA A 227 18.49 5.13 26.28
C ALA A 227 18.52 4.44 27.65
N SER A 228 18.28 5.22 28.70
CA SER A 228 18.36 4.72 30.08
C SER A 228 17.10 3.95 30.53
N ASP A 229 16.08 3.92 29.67
CA ASP A 229 14.80 3.27 30.01
C ASP A 229 14.30 2.52 28.77
N PRO A 230 15.01 1.44 28.37
CA PRO A 230 14.52 0.65 27.25
C PRO A 230 13.22 -0.04 27.58
N LEU A 231 12.28 -0.04 26.64
CA LEU A 231 10.98 -0.64 26.87
C LEU A 231 10.78 -1.83 25.92
N VAL A 232 10.38 -2.98 26.47
CA VAL A 232 10.09 -4.18 25.68
CA VAL A 232 10.14 -4.15 25.62
C VAL A 232 8.90 -3.93 24.74
N MET A 233 9.11 -4.16 23.44
CA MET A 233 8.04 -4.06 22.46
C MET A 233 7.59 -5.46 22.06
N TYR A 234 8.54 -6.37 21.91
CA TYR A 234 8.24 -7.75 21.63
C TYR A 234 9.21 -8.65 22.37
N GLY A 235 8.67 -9.70 22.99
CA GLY A 235 9.50 -10.78 23.53
C GLY A 235 9.39 -11.00 25.02
N ASN A 236 10.06 -12.06 25.47
CA ASN A 236 10.00 -12.52 26.85
C ASN A 236 11.11 -11.85 27.70
N GLN A 237 11.95 -12.63 28.39
CA GLN A 237 12.84 -12.05 29.42
C GLN A 237 14.36 -12.23 29.11
N ASP A 238 15.12 -13.07 29.83
CA ASP A 238 14.67 -13.95 30.93
C ASP A 238 14.33 -15.37 30.46
N GLU A 239 14.08 -15.50 29.16
CA GLU A 239 13.78 -16.78 28.54
C GLU A 239 15.06 -17.62 28.49
N GLU A 240 14.91 -18.93 28.33
CA GLU A 240 16.05 -19.82 28.13
C GLU A 240 16.80 -19.38 26.87
N ALA A 241 17.81 -18.52 27.05
CA ALA A 241 18.55 -17.94 25.94
C ALA A 241 20.06 -17.97 26.18
N ASP A 242 20.82 -18.00 25.09
CA ASP A 242 22.27 -18.07 25.13
C ASP A 242 22.86 -16.72 25.51
N ARG A 243 23.45 -16.64 26.71
CA ARG A 243 23.99 -15.39 27.24
C ARG A 243 25.35 -15.02 26.63
N SER A 244 26.05 -16.00 26.06
CA SER A 244 27.41 -15.76 25.56
C SER A 244 27.48 -14.99 24.23
N LEU A 245 26.39 -14.97 23.46
CA LEU A 245 26.41 -14.39 22.12
C LEU A 245 25.07 -13.74 21.79
N SER A 246 25.12 -12.55 21.22
CA SER A 246 23.91 -11.89 20.74
C SER A 246 24.22 -11.05 19.54
N HIS A 247 23.16 -10.61 18.87
CA HIS A 247 23.32 -9.69 17.78
C HIS A 247 22.25 -8.63 17.86
N GLU A 248 22.64 -7.41 17.53
CA GLU A 248 21.72 -6.28 17.41
C GLU A 248 21.51 -5.96 15.94
N SER A 249 20.24 -6.00 15.52
CA SER A 249 19.84 -5.61 14.19
C SER A 249 19.10 -4.29 14.25
N LYS A 250 19.35 -3.45 13.25
CA LYS A 250 18.72 -2.14 13.15
C LYS A 250 17.25 -2.24 12.77
N LEU A 251 16.44 -1.39 13.39
CA LEU A 251 15.02 -1.21 13.01
C LEU A 251 14.72 0.27 12.92
N ASP A 252 13.97 0.64 11.89
CA ASP A 252 13.48 1.99 11.76
C ASP A 252 12.00 1.93 11.39
N PHE A 253 11.13 2.26 12.34
CA PHE A 253 9.67 2.22 12.10
C PHE A 253 9.10 3.54 11.57
N GLY A 254 9.94 4.54 11.38
CA GLY A 254 9.60 5.70 10.54
C GLY A 254 9.25 7.00 11.28
N ASP A 255 9.18 6.94 12.61
CA ASP A 255 8.84 8.12 13.43
C ASP A 255 10.11 8.60 14.10
N PRO A 256 10.60 9.78 13.69
CA PRO A 256 11.90 10.25 14.24
C PRO A 256 11.85 10.51 15.76
N PHE A 257 10.65 10.57 16.35
CA PHE A 257 10.50 10.72 17.79
C PHE A 257 10.86 9.45 18.57
N ARG A 258 10.78 8.30 17.92
CA ARG A 258 11.01 7.02 18.56
C ARG A 258 12.22 6.31 17.97
N LYS A 259 12.83 5.45 18.78
CA LYS A 259 13.95 4.62 18.33
CA LYS A 259 13.94 4.61 18.34
C LYS A 259 13.69 3.18 18.78
N HIS A 260 14.14 2.22 17.96
CA HIS A 260 13.94 0.81 18.25
C HIS A 260 15.16 0.01 17.80
N LYS A 261 15.25 -1.20 18.33
CA LYS A 261 16.28 -2.18 17.93
C LYS A 261 15.77 -3.59 18.14
N MET A 262 16.36 -4.55 17.41
CA MET A 262 16.07 -5.95 17.62
C MET A 262 17.32 -6.61 18.17
N ILE A 263 17.15 -7.51 19.13
CA ILE A 263 18.26 -8.31 19.69
C ILE A 263 17.88 -9.77 19.52
N CYS A 264 18.77 -10.57 18.91
CA CYS A 264 18.55 -12.02 18.79
C CYS A 264 19.65 -12.77 19.53
N ARG A 265 19.28 -13.89 20.13
CA ARG A 265 20.23 -14.83 20.75
C ARG A 265 19.82 -16.22 20.37
N TYR A 266 20.74 -17.17 20.50
CA TYR A 266 20.35 -18.55 20.39
C TYR A 266 19.60 -18.99 21.64
N HIS A 267 18.64 -19.90 21.46
CA HIS A 267 17.96 -20.56 22.55
C HIS A 267 18.99 -21.18 23.50
N GLN A 268 19.96 -21.89 22.90
CA GLN A 268 21.07 -22.53 23.62
C GLN A 268 21.47 -21.83 24.92
N ASP B 3 44.00 -12.67 -10.11
CA ASP B 3 43.15 -13.84 -9.74
C ASP B 3 42.15 -13.48 -8.63
N ALA B 4 42.65 -12.98 -7.51
CA ALA B 4 41.81 -12.45 -6.44
C ALA B 4 40.98 -11.28 -6.95
N ASN B 5 41.57 -10.51 -7.86
CA ASN B 5 40.88 -9.38 -8.47
C ASN B 5 39.67 -9.79 -9.32
N LYS B 6 39.83 -10.86 -10.12
CA LYS B 6 38.71 -11.41 -10.88
C LYS B 6 37.58 -11.81 -9.96
N ILE B 7 37.91 -12.46 -8.84
CA ILE B 7 36.91 -12.90 -7.90
C ILE B 7 36.15 -11.71 -7.31
N ARG B 8 36.87 -10.66 -6.90
CA ARG B 8 36.25 -9.48 -6.33
C ARG B 8 35.34 -8.80 -7.36
N ARG B 9 35.82 -8.75 -8.60
CA ARG B 9 35.05 -8.14 -9.69
C ARG B 9 33.73 -8.85 -9.87
N GLU B 10 33.74 -10.18 -9.84
CA GLU B 10 32.52 -10.98 -9.95
C GLU B 10 31.58 -10.71 -8.77
N GLU B 11 32.15 -10.64 -7.57
CA GLU B 11 31.35 -10.43 -6.36
C GLU B 11 30.65 -9.07 -6.41
N VAL B 12 31.35 -8.06 -6.93
CA VAL B 12 30.75 -6.71 -7.04
C VAL B 12 29.61 -6.73 -8.05
N LEU B 13 29.82 -7.43 -9.17
CA LEU B 13 28.76 -7.49 -10.21
C LEU B 13 27.48 -8.14 -9.69
N VAL B 14 27.64 -9.28 -9.01
CA VAL B 14 26.52 -9.99 -8.42
C VAL B 14 25.80 -9.06 -7.43
N SER B 15 26.54 -8.39 -6.58
CA SER B 15 25.93 -7.55 -5.55
CA SER B 15 25.94 -7.53 -5.55
C SER B 15 25.16 -6.39 -6.20
N MET B 16 25.81 -5.69 -7.12
CA MET B 16 25.17 -4.60 -7.85
C MET B 16 23.91 -5.00 -8.58
N CYS B 17 23.99 -6.12 -9.30
CA CYS B 17 22.87 -6.57 -10.10
C CYS B 17 21.72 -7.03 -9.21
N ASP B 18 22.04 -7.83 -8.19
CA ASP B 18 21.04 -8.33 -7.25
C ASP B 18 20.34 -7.18 -6.56
N GLN B 19 21.08 -6.15 -6.15
CA GLN B 19 20.44 -5.01 -5.48
C GLN B 19 19.45 -4.29 -6.40
N ARG B 20 19.85 -4.05 -7.65
CA ARG B 20 18.99 -3.39 -8.63
C ARG B 20 17.74 -4.21 -8.87
N ALA B 21 17.91 -5.54 -8.99
CA ALA B 21 16.77 -6.41 -9.21
C ALA B 21 15.78 -6.35 -8.03
N ARG B 22 16.30 -6.41 -6.81
CA ARG B 22 15.45 -6.30 -5.62
C ARG B 22 14.69 -4.99 -5.61
N MET B 23 15.38 -3.89 -5.89
CA MET B 23 14.77 -2.55 -5.87
C MET B 23 13.63 -2.49 -6.86
N LEU B 24 13.86 -3.00 -8.06
CA LEU B 24 12.84 -2.98 -9.10
C LEU B 24 11.66 -3.89 -8.78
N GLN B 25 11.93 -5.10 -8.30
CA GLN B 25 10.86 -6.02 -7.91
C GLN B 25 10.01 -5.45 -6.79
N ASP B 26 10.67 -4.81 -5.84
CA ASP B 26 9.98 -4.28 -4.66
C ASP B 26 9.07 -3.11 -5.06
N GLN B 27 9.57 -2.21 -5.89
CA GLN B 27 8.76 -1.06 -6.32
C GLN B 27 7.59 -1.53 -7.17
N PHE B 28 7.81 -2.49 -8.05
CA PHE B 28 6.74 -3.05 -8.84
CA PHE B 28 6.71 -3.05 -8.87
C PHE B 28 5.66 -3.61 -7.92
N SER B 29 6.09 -4.40 -6.93
CA SER B 29 5.20 -5.06 -5.98
C SER B 29 4.35 -4.04 -5.21
N VAL B 30 4.97 -2.98 -4.74
CA VAL B 30 4.23 -1.93 -4.01
C VAL B 30 3.16 -1.33 -4.96
N SER B 31 3.54 -1.04 -6.21
CA SER B 31 2.56 -0.50 -7.16
C SER B 31 1.39 -1.41 -7.43
N VAL B 32 1.68 -2.70 -7.67
CA VAL B 32 0.65 -3.68 -7.92
C VAL B 32 -0.30 -3.71 -6.73
N ASN B 33 0.23 -3.75 -5.51
CA ASN B 33 -0.61 -3.81 -4.34
C ASN B 33 -1.54 -2.57 -4.23
N HIS B 34 -1.02 -1.41 -4.56
CA HIS B 34 -1.84 -0.19 -4.45
C HIS B 34 -2.86 -0.10 -5.55
N VAL B 35 -2.53 -0.61 -6.74
CA VAL B 35 -3.53 -0.72 -7.80
C VAL B 35 -4.65 -1.69 -7.41
N HIS B 36 -4.33 -2.77 -6.70
CA HIS B 36 -5.32 -3.72 -6.19
C HIS B 36 -6.28 -3.01 -5.26
N ALA B 37 -5.74 -2.15 -4.40
CA ALA B 37 -6.59 -1.37 -3.49
C ALA B 37 -7.53 -0.45 -4.27
N LEU B 38 -7.06 0.13 -5.35
CA LEU B 38 -7.91 0.99 -6.20
CA LEU B 38 -7.90 0.99 -6.16
C LEU B 38 -9.03 0.18 -6.85
N ALA B 39 -8.72 -1.04 -7.27
CA ALA B 39 -9.77 -1.87 -7.85
C ALA B 39 -10.87 -2.16 -6.81
N ILE B 40 -10.46 -2.43 -5.59
CA ILE B 40 -11.37 -2.66 -4.48
C ILE B 40 -12.19 -1.36 -4.19
N LEU B 41 -11.53 -0.21 -4.27
CA LEU B 41 -12.20 1.08 -4.06
C LEU B 41 -13.31 1.28 -5.10
N VAL B 42 -13.00 1.04 -6.38
CA VAL B 42 -14.01 1.22 -7.43
C VAL B 42 -15.18 0.23 -7.19
N SER B 43 -14.88 -1.02 -6.82
CA SER B 43 -15.92 -2.01 -6.53
C SER B 43 -16.80 -1.52 -5.37
N THR B 44 -16.21 -1.13 -4.25
CA THR B 44 -16.98 -0.70 -3.11
C THR B 44 -17.80 0.55 -3.40
N PHE B 45 -17.18 1.56 -4.01
CA PHE B 45 -17.83 2.87 -4.11
C PHE B 45 -18.70 3.03 -5.35
N HIS B 46 -18.35 2.38 -6.45
CA HIS B 46 -19.10 2.54 -7.71
C HIS B 46 -20.18 1.47 -7.88
N TYR B 47 -19.99 0.27 -7.32
CA TYR B 47 -20.93 -0.83 -7.55
C TYR B 47 -21.70 -1.27 -6.29
N HIS B 48 -21.03 -1.38 -5.14
CA HIS B 48 -21.68 -1.87 -3.94
C HIS B 48 -22.59 -0.81 -3.32
N LYS B 49 -22.19 0.44 -3.46
CA LYS B 49 -23.01 1.55 -3.03
C LYS B 49 -24.01 1.84 -4.12
N ASN B 50 -25.25 2.08 -3.72
CA ASN B 50 -26.30 2.51 -4.64
C ASN B 50 -27.00 3.73 -4.06
N PRO B 51 -26.98 4.86 -4.78
CA PRO B 51 -26.31 5.09 -6.07
C PRO B 51 -24.78 5.14 -5.92
N SER B 52 -24.08 5.14 -7.05
CA SER B 52 -22.61 5.21 -7.05
C SER B 52 -22.17 6.42 -6.26
N ALA B 53 -21.07 6.24 -5.54
CA ALA B 53 -20.51 7.27 -4.67
C ALA B 53 -19.10 7.56 -5.08
N ILE B 54 -18.79 7.35 -6.36
CA ILE B 54 -17.52 7.70 -6.98
C ILE B 54 -17.77 8.26 -8.37
N ASP B 55 -17.02 9.28 -8.73
CA ASP B 55 -17.14 9.98 -9.99
C ASP B 55 -15.74 10.42 -10.48
N GLN B 56 -15.67 11.03 -11.66
CA GLN B 56 -14.38 11.38 -12.22
C GLN B 56 -13.64 12.35 -11.32
N GLU B 57 -14.33 13.37 -10.82
CA GLU B 57 -13.67 14.37 -9.94
C GLU B 57 -13.02 13.71 -8.73
N THR B 58 -13.75 12.80 -8.09
CA THR B 58 -13.29 12.14 -6.88
CA THR B 58 -13.22 12.18 -6.86
C THR B 58 -12.14 11.15 -7.18
N PHE B 59 -12.30 10.38 -8.26
CA PHE B 59 -11.26 9.47 -8.69
C PHE B 59 -9.97 10.24 -9.02
N ALA B 60 -10.10 11.34 -9.74
CA ALA B 60 -8.93 12.16 -10.10
C ALA B 60 -8.24 12.67 -8.85
N GLU B 61 -9.03 13.21 -7.92
CA GLU B 61 -8.44 13.69 -6.67
C GLU B 61 -7.71 12.59 -5.89
N TYR B 62 -8.40 11.49 -5.65
CA TYR B 62 -7.85 10.42 -4.85
C TYR B 62 -6.57 9.85 -5.49
N THR B 63 -6.59 9.68 -6.81
CA THR B 63 -5.43 9.08 -7.50
C THR B 63 -4.28 10.08 -7.51
N ALA B 64 -4.56 11.35 -7.70
CA ALA B 64 -3.49 12.37 -7.62
C ALA B 64 -2.82 12.36 -6.26
N ARG B 65 -3.63 12.38 -5.20
CA ARG B 65 -3.12 12.47 -3.84
C ARG B 65 -2.36 11.23 -3.39
N THR B 66 -2.64 10.09 -4.01
CA THR B 66 -1.99 8.80 -3.69
C THR B 66 -0.98 8.39 -4.75
N ALA B 67 -0.60 9.32 -5.64
CA ALA B 67 0.33 8.97 -6.73
C ALA B 67 1.62 8.40 -6.14
N PHE B 68 2.07 8.92 -4.99
CA PHE B 68 3.26 8.40 -4.31
C PHE B 68 3.24 6.91 -3.93
N GLU B 69 2.06 6.32 -3.82
CA GLU B 69 1.88 4.92 -3.48
C GLU B 69 2.15 4.00 -4.67
N ARG B 70 2.27 4.57 -5.87
CA ARG B 70 2.41 3.78 -7.11
C ARG B 70 3.65 4.19 -7.91
N PRO B 71 4.82 3.87 -7.36
CA PRO B 71 6.04 4.49 -7.87
C PRO B 71 6.41 4.20 -9.31
N LEU B 72 6.04 3.07 -9.87
CA LEU B 72 6.57 2.91 -11.27
C LEU B 72 5.53 3.18 -12.36
N LEU B 73 4.43 3.76 -11.91
CA LEU B 73 3.26 3.89 -12.78
C LEU B 73 3.11 5.34 -13.24
N SER B 74 2.85 5.55 -14.53
CA SER B 74 2.64 6.91 -15.03
C SER B 74 1.21 7.41 -14.76
N GLY B 75 0.28 6.51 -14.46
CA GLY B 75 -1.09 6.91 -14.20
C GLY B 75 -1.97 5.67 -14.13
N VAL B 76 -3.16 5.85 -13.58
CA VAL B 76 -4.15 4.79 -13.48
C VAL B 76 -5.48 5.25 -14.04
N ALA B 77 -6.27 4.29 -14.52
CA ALA B 77 -7.56 4.62 -15.12
C ALA B 77 -8.49 3.42 -14.92
N TYR B 78 -9.80 3.69 -14.95
CA TYR B 78 -10.81 2.65 -14.79
C TYR B 78 -11.66 2.66 -16.06
N ALA B 79 -11.69 1.50 -16.71
CA ALA B 79 -12.46 1.30 -17.90
C ALA B 79 -13.66 0.42 -17.55
N GLU B 80 -14.82 0.81 -18.03
CA GLU B 80 -16.04 0.06 -17.72
C GLU B 80 -16.42 -0.90 -18.83
N LYS B 81 -16.87 -2.09 -18.48
CA LYS B 81 -17.36 -3.00 -19.46
C LYS B 81 -18.71 -2.52 -20.02
N VAL B 82 -18.80 -2.38 -21.33
CA VAL B 82 -20.03 -1.99 -22.02
C VAL B 82 -20.24 -2.97 -23.17
N VAL B 83 -21.35 -3.68 -23.12
CA VAL B 83 -21.72 -4.58 -24.25
C VAL B 83 -22.48 -3.77 -25.28
N ASN B 84 -22.46 -4.19 -26.55
CA ASN B 84 -23.01 -3.32 -27.60
C ASN B 84 -24.46 -2.86 -27.38
N PHE B 85 -25.34 -3.70 -26.84
CA PHE B 85 -26.74 -3.26 -26.68
C PHE B 85 -26.88 -2.07 -25.75
N GLU B 86 -25.90 -1.90 -24.89
CA GLU B 86 -25.90 -0.84 -23.87
C GLU B 86 -25.20 0.42 -24.40
N ARG B 87 -24.58 0.36 -25.55
CA ARG B 87 -23.73 1.48 -26.02
C ARG B 87 -24.50 2.81 -26.13
N GLU B 88 -25.68 2.80 -26.76
CA GLU B 88 -26.43 4.04 -26.94
C GLU B 88 -26.73 4.71 -25.60
N MET B 89 -27.22 3.92 -24.64
CA MET B 89 -27.61 4.44 -23.33
C MET B 89 -26.33 4.96 -22.61
N PHE B 90 -25.26 4.19 -22.73
CA PHE B 90 -23.98 4.54 -22.09
C PHE B 90 -23.48 5.89 -22.61
N GLU B 91 -23.49 6.05 -23.92
CA GLU B 91 -22.97 7.27 -24.54
C GLU B 91 -23.88 8.45 -24.22
N ARG B 92 -25.20 8.22 -24.15
CA ARG B 92 -26.16 9.25 -23.72
CA ARG B 92 -26.11 9.29 -23.73
C ARG B 92 -25.86 9.70 -22.27
N GLN B 93 -25.64 8.72 -21.39
CA GLN B 93 -25.36 9.00 -19.96
CA GLN B 93 -25.39 9.02 -19.98
C GLN B 93 -24.08 9.79 -19.75
N HIS B 94 -23.05 9.46 -20.51
CA HIS B 94 -21.74 10.10 -20.39
C HIS B 94 -21.57 11.36 -21.24
N ASN B 95 -22.47 11.57 -22.19
CA ASN B 95 -22.38 12.70 -23.11
C ASN B 95 -21.07 12.67 -23.93
N TRP B 96 -20.63 11.47 -24.29
CA TRP B 96 -19.54 11.31 -25.25
C TRP B 96 -19.62 9.97 -25.94
N VAL B 97 -18.91 9.86 -27.06
CA VAL B 97 -18.85 8.63 -27.84
C VAL B 97 -17.60 7.81 -27.53
N ILE B 98 -17.76 6.49 -27.51
CA ILE B 98 -16.65 5.55 -27.37
C ILE B 98 -15.72 5.69 -28.57
N LYS B 99 -14.42 5.89 -28.30
CA LYS B 99 -13.43 6.20 -29.36
C LYS B 99 -12.39 5.11 -29.49
N THR B 100 -11.80 5.01 -30.68
CA THR B 100 -10.70 4.10 -30.93
C THR B 100 -9.40 4.67 -30.38
N MET B 101 -8.54 3.78 -29.90
CA MET B 101 -7.23 4.21 -29.35
CA MET B 101 -7.25 4.19 -29.37
C MET B 101 -6.33 4.77 -30.44
N ASP B 102 -6.37 4.21 -31.66
CA ASP B 102 -5.38 4.62 -32.65
C ASP B 102 -5.58 6.02 -33.26
N ARG B 103 -6.83 6.41 -33.52
CA ARG B 103 -7.09 7.70 -34.18
CA ARG B 103 -7.13 7.68 -34.21
C ARG B 103 -8.09 8.58 -33.43
N GLY B 104 -8.66 8.08 -32.32
CA GLY B 104 -9.66 8.84 -31.57
C GLY B 104 -10.96 9.01 -32.34
N GLU B 105 -11.23 8.07 -33.24
CA GLU B 105 -12.42 8.15 -34.07
C GLU B 105 -13.56 7.39 -33.39
N PRO B 106 -14.82 7.71 -33.75
CA PRO B 106 -15.93 6.98 -33.08
C PRO B 106 -15.77 5.49 -33.36
N SER B 107 -15.93 4.65 -32.35
CA SER B 107 -15.65 3.23 -32.51
C SER B 107 -16.65 2.61 -33.49
N PRO B 108 -16.16 1.80 -34.41
CA PRO B 108 -17.13 0.95 -35.14
C PRO B 108 -17.84 0.03 -34.16
N VAL B 109 -18.92 -0.59 -34.61
CA VAL B 109 -19.60 -1.53 -33.75
C VAL B 109 -18.70 -2.74 -33.44
N ARG B 110 -18.72 -3.12 -32.17
CA ARG B 110 -17.98 -4.25 -31.61
C ARG B 110 -18.92 -4.93 -30.65
N ASP B 111 -18.66 -6.18 -30.30
CA ASP B 111 -19.55 -6.91 -29.40
C ASP B 111 -19.57 -6.24 -28.02
N GLU B 112 -18.40 -5.77 -27.62
CA GLU B 112 -18.24 -5.10 -26.31
C GLU B 112 -17.06 -4.15 -26.43
N TYR B 113 -16.95 -3.31 -25.40
CA TYR B 113 -15.96 -2.22 -25.34
C TYR B 113 -15.55 -2.08 -23.89
N ALA B 114 -14.44 -1.36 -23.72
CA ALA B 114 -13.89 -1.06 -22.39
C ALA B 114 -13.49 0.42 -22.36
N PRO B 115 -14.48 1.32 -22.46
CA PRO B 115 -14.17 2.76 -22.44
C PRO B 115 -13.71 3.24 -21.08
N VAL B 116 -12.66 4.03 -21.10
CA VAL B 116 -12.18 4.66 -19.83
C VAL B 116 -13.19 5.69 -19.38
N ILE B 117 -13.70 5.55 -18.15
CA ILE B 117 -14.65 6.48 -17.55
C ILE B 117 -14.00 7.33 -16.41
N PHE B 118 -13.03 6.74 -15.74
CA PHE B 118 -12.28 7.50 -14.69
C PHE B 118 -10.79 7.47 -15.03
N SER B 119 -10.12 8.61 -14.79
CA SER B 119 -8.70 8.65 -15.11
C SER B 119 -7.99 9.62 -14.20
N GLN B 120 -6.80 9.20 -13.83
CA GLN B 120 -5.85 10.14 -13.22
C GLN B 120 -5.50 11.20 -14.26
N ASP B 121 -5.33 12.47 -13.85
CA ASP B 121 -5.16 13.53 -14.84
C ASP B 121 -3.90 13.32 -15.68
N SER B 122 -2.91 12.62 -15.12
CA SER B 122 -1.67 12.31 -15.84
C SER B 122 -1.89 11.45 -17.09
N VAL B 123 -3.01 10.73 -17.09
CA VAL B 123 -3.44 9.94 -18.26
C VAL B 123 -4.85 10.35 -18.72
N SER B 124 -5.13 11.65 -18.68
CA SER B 124 -6.45 12.17 -19.04
C SER B 124 -6.84 11.83 -20.47
N TYR B 125 -5.84 11.76 -21.34
CA TYR B 125 -6.04 11.39 -22.74
C TYR B 125 -6.68 10.01 -22.94
N LEU B 126 -6.71 9.17 -21.92
CA LEU B 126 -7.41 7.89 -22.03
C LEU B 126 -8.94 7.98 -21.97
N GLU B 127 -9.49 9.07 -21.41
CA GLU B 127 -10.93 9.19 -21.24
CA GLU B 127 -10.92 9.16 -21.22
C GLU B 127 -11.66 8.96 -22.55
N SER B 128 -12.64 8.06 -22.48
CA SER B 128 -13.53 7.68 -23.60
C SER B 128 -12.88 6.69 -24.55
N LEU B 129 -11.59 6.43 -24.44
CA LEU B 129 -10.97 5.48 -25.35
C LEU B 129 -11.37 4.05 -24.97
N ASP B 130 -11.70 3.27 -26.00
CA ASP B 130 -11.98 1.83 -25.83
C ASP B 130 -10.68 1.07 -25.66
N MET B 131 -10.41 0.63 -24.43
CA MET B 131 -9.16 -0.10 -24.18
C MET B 131 -9.04 -1.47 -24.83
N MET B 132 -10.15 -2.00 -25.37
CA MET B 132 -10.08 -3.17 -26.19
C MET B 132 -9.65 -2.93 -27.64
N SER B 133 -9.52 -1.68 -28.04
CA SER B 133 -9.07 -1.35 -29.39
C SER B 133 -7.57 -1.28 -29.57
N GLY B 134 -6.87 -1.68 -28.53
CA GLY B 134 -5.41 -1.88 -28.55
C GLY B 134 -5.16 -3.34 -28.21
N GLU B 135 -4.34 -4.03 -28.98
CA GLU B 135 -4.20 -5.48 -28.77
C GLU B 135 -3.59 -5.90 -27.45
N GLU B 136 -2.57 -5.18 -26.99
CA GLU B 136 -1.95 -5.52 -25.72
C GLU B 136 -2.96 -5.33 -24.59
N ASP B 137 -3.65 -4.19 -24.61
CA ASP B 137 -4.63 -3.90 -23.55
C ASP B 137 -5.82 -4.87 -23.59
N ARG B 138 -6.23 -5.22 -24.80
CA ARG B 138 -7.36 -6.15 -25.00
C ARG B 138 -7.06 -7.51 -24.40
N GLU B 139 -5.92 -8.06 -24.75
CA GLU B 139 -5.47 -9.34 -24.22
C GLU B 139 -5.37 -9.30 -22.70
N ASN B 140 -4.86 -8.20 -22.19
CA ASN B 140 -4.73 -8.01 -20.74
C ASN B 140 -6.12 -8.02 -20.08
N ILE B 141 -7.04 -7.30 -20.68
CA ILE B 141 -8.39 -7.20 -20.17
C ILE B 141 -9.06 -8.58 -20.08
N LEU B 142 -8.95 -9.37 -21.15
CA LEU B 142 -9.54 -10.69 -21.15
C LEU B 142 -8.92 -11.61 -20.09
N ARG B 143 -7.60 -11.64 -20.00
CA ARG B 143 -6.96 -12.49 -19.01
C ARG B 143 -7.20 -12.06 -17.55
N ALA B 144 -7.27 -10.76 -17.32
CA ALA B 144 -7.62 -10.20 -16.00
C ALA B 144 -8.98 -10.72 -15.58
N ARG B 145 -9.98 -10.55 -16.45
CA ARG B 145 -11.32 -10.93 -16.05
C ARG B 145 -11.53 -12.44 -15.92
N GLU B 146 -10.86 -13.25 -16.76
CA GLU B 146 -10.99 -14.71 -16.72
C GLU B 146 -10.24 -15.33 -15.54
N THR B 147 -9.15 -14.70 -15.11
CA THR B 147 -8.33 -15.23 -14.01
C THR B 147 -8.65 -14.69 -12.63
N GLY B 148 -9.21 -13.48 -12.58
CA GLY B 148 -9.52 -12.83 -11.34
C GLY B 148 -8.32 -12.16 -10.70
N LYS B 149 -7.22 -12.07 -11.41
CA LYS B 149 -5.98 -11.55 -10.82
C LYS B 149 -5.28 -10.52 -11.71
N ALA B 150 -4.32 -9.83 -11.13
CA ALA B 150 -3.52 -8.81 -11.84
C ALA B 150 -2.81 -9.48 -12.99
N VAL B 151 -2.78 -8.83 -14.14
CA VAL B 151 -2.02 -9.32 -15.30
C VAL B 151 -1.16 -8.24 -15.92
N LEU B 152 -0.08 -8.67 -16.56
CA LEU B 152 0.84 -7.80 -17.25
C LEU B 152 0.91 -8.11 -18.73
N THR B 153 1.07 -7.06 -19.53
CA THR B 153 1.35 -7.18 -20.96
C THR B 153 2.82 -7.49 -21.22
N SER B 154 3.13 -7.83 -22.48
CA SER B 154 4.46 -7.74 -23.00
C SER B 154 4.87 -6.27 -23.08
N PRO B 155 6.19 -6.02 -23.24
CA PRO B 155 6.60 -4.63 -23.40
C PRO B 155 6.09 -4.06 -24.73
N PHE B 156 5.54 -2.84 -24.67
CA PHE B 156 5.10 -2.16 -25.88
C PHE B 156 5.08 -0.66 -25.65
N ARG B 157 4.95 0.10 -26.72
CA ARG B 157 5.04 1.55 -26.65
C ARG B 157 3.67 2.13 -26.29
N LEU B 158 3.68 2.91 -25.21
CA LEU B 158 2.48 3.42 -24.57
C LEU B 158 1.93 4.62 -25.33
N LEU B 159 0.64 4.85 -25.18
CA LEU B 159 -0.02 6.01 -25.77
C LEU B 159 0.59 7.32 -25.32
N GLU B 160 0.60 8.29 -26.24
CA GLU B 160 1.00 9.70 -26.01
C GLU B 160 2.50 9.90 -25.91
N THR B 161 3.14 9.20 -24.99
CA THR B 161 4.57 9.36 -24.76
C THR B 161 5.41 8.49 -25.70
N HIS B 162 4.82 7.38 -26.16
CA HIS B 162 5.50 6.33 -26.93
C HIS B 162 6.64 5.67 -26.14
N HIS B 163 6.62 5.79 -24.82
CA HIS B 163 7.65 5.18 -23.98
C HIS B 163 7.40 3.68 -23.92
N LEU B 164 8.48 2.90 -23.89
CA LEU B 164 8.39 1.46 -23.79
C LEU B 164 7.97 1.11 -22.36
N GLY B 165 6.91 0.35 -22.22
CA GLY B 165 6.43 -0.03 -20.90
C GLY B 165 5.58 -1.28 -20.92
N VAL B 166 4.95 -1.58 -19.78
CA VAL B 166 4.03 -2.69 -19.66
C VAL B 166 2.77 -2.20 -18.95
N VAL B 167 1.63 -2.71 -19.35
CA VAL B 167 0.39 -2.36 -18.69
C VAL B 167 0.00 -3.45 -17.69
N LEU B 168 -0.48 -2.99 -16.54
CA LEU B 168 -0.97 -3.80 -15.44
C LEU B 168 -2.49 -3.61 -15.45
N THR B 169 -3.26 -4.70 -15.50
CA THR B 169 -4.73 -4.61 -15.42
C THR B 169 -5.28 -5.53 -14.33
N PHE B 170 -6.23 -5.00 -13.56
CA PHE B 170 -6.96 -5.76 -12.54
C PHE B 170 -8.40 -5.78 -12.94
N PRO B 171 -9.10 -6.90 -12.74
CA PRO B 171 -10.52 -6.91 -12.97
C PRO B 171 -11.28 -6.32 -11.79
N VAL B 172 -12.44 -5.72 -12.08
CA VAL B 172 -13.41 -5.32 -11.12
C VAL B 172 -14.74 -6.05 -11.44
N TYR B 173 -15.32 -6.70 -10.45
CA TYR B 173 -16.54 -7.48 -10.60
C TYR B 173 -17.74 -6.91 -9.88
N LYS B 174 -18.91 -7.27 -10.38
CA LYS B 174 -20.18 -7.04 -9.71
C LYS B 174 -20.33 -7.95 -8.50
N SER B 175 -21.18 -7.55 -7.56
CA SER B 175 -21.48 -8.35 -6.36
C SER B 175 -22.14 -9.69 -6.69
N SER B 176 -22.68 -9.84 -7.90
CA SER B 176 -23.25 -11.10 -8.35
C SER B 176 -22.21 -12.22 -8.56
N LEU B 177 -20.90 -11.88 -8.60
CA LEU B 177 -19.86 -12.90 -8.75
C LEU B 177 -20.06 -14.00 -7.70
N PRO B 178 -20.27 -15.25 -8.13
CA PRO B 178 -20.41 -16.34 -7.14
C PRO B 178 -19.10 -16.63 -6.41
N GLU B 179 -19.15 -17.40 -5.33
CA GLU B 179 -17.90 -17.82 -4.69
C GLU B 179 -17.37 -19.04 -5.42
N ASN B 180 -16.05 -19.17 -5.45
CA ASN B 180 -15.35 -20.15 -6.30
C ASN B 180 -15.94 -20.16 -7.72
N PRO B 181 -15.88 -19.01 -8.38
CA PRO B 181 -16.51 -18.88 -9.70
C PRO B 181 -15.75 -19.62 -10.79
N THR B 182 -16.49 -20.03 -11.82
CA THR B 182 -15.89 -20.54 -13.03
C THR B 182 -15.45 -19.34 -13.85
N VAL B 183 -14.66 -19.56 -14.88
CA VAL B 183 -14.29 -18.49 -15.80
C VAL B 183 -15.55 -17.86 -16.43
N GLU B 184 -16.51 -18.70 -16.81
CA GLU B 184 -17.75 -18.20 -17.44
C GLU B 184 -18.51 -17.25 -16.49
N GLU B 185 -18.49 -17.61 -15.21
CA GLU B 185 -19.13 -16.78 -14.16
C GLU B 185 -18.38 -15.48 -13.96
N ARG B 186 -17.05 -15.55 -14.02
CA ARG B 186 -16.23 -14.35 -13.94
CA ARG B 186 -16.23 -14.35 -13.93
C ARG B 186 -16.56 -13.40 -15.06
N ILE B 187 -16.63 -13.92 -16.29
CA ILE B 187 -16.94 -13.06 -17.44
C ILE B 187 -18.29 -12.37 -17.28
N ALA B 188 -19.30 -13.13 -16.86
CA ALA B 188 -20.64 -12.63 -16.71
C ALA B 188 -20.74 -11.55 -15.64
N ALA B 189 -19.89 -11.65 -14.63
CA ALA B 189 -19.96 -10.79 -13.47
C ALA B 189 -19.00 -9.62 -13.61
N THR B 190 -18.28 -9.52 -14.72
CA THR B 190 -17.29 -8.45 -14.91
C THR B 190 -17.94 -7.07 -14.98
N ALA B 191 -17.43 -6.12 -14.19
CA ALA B 191 -17.87 -4.72 -14.27
C ALA B 191 -16.93 -3.83 -15.07
N GLY B 192 -15.63 -4.09 -14.98
CA GLY B 192 -14.64 -3.28 -15.64
C GLY B 192 -13.25 -3.65 -15.22
N TYR B 193 -12.32 -2.75 -15.52
CA TYR B 193 -10.88 -3.06 -15.52
C TYR B 193 -10.15 -1.81 -15.01
N LEU B 194 -9.33 -1.99 -13.97
CA LEU B 194 -8.52 -0.91 -13.41
C LEU B 194 -7.12 -1.15 -13.94
N GLY B 195 -6.57 -0.20 -14.68
CA GLY B 195 -5.27 -0.39 -15.31
C GLY B 195 -4.32 0.73 -15.01
N GLY B 196 -3.05 0.38 -15.09
CA GLY B 196 -1.95 1.30 -14.90
C GLY B 196 -0.80 0.99 -15.85
N ALA B 197 -0.08 2.03 -16.28
CA ALA B 197 1.03 1.92 -17.18
C ALA B 197 2.32 1.99 -16.38
N PHE B 198 3.08 0.91 -16.40
CA PHE B 198 4.46 0.93 -15.91
C PHE B 198 5.29 1.50 -17.05
N ASP B 199 5.72 2.75 -16.87
CA ASP B 199 6.59 3.43 -17.83
C ASP B 199 8.02 3.07 -17.53
N VAL B 200 8.48 2.00 -18.15
CA VAL B 200 9.77 1.44 -17.80
C VAL B 200 10.84 2.36 -18.37
N GLU B 201 10.63 2.79 -19.61
CA GLU B 201 11.64 3.55 -20.31
C GLU B 201 12.06 4.79 -19.50
N SER B 202 11.08 5.48 -18.90
CA SER B 202 11.40 6.68 -18.13
C SER B 202 11.62 6.39 -16.65
N LEU B 203 10.67 5.72 -16.02
CA LEU B 203 10.69 5.65 -14.57
C LEU B 203 11.65 4.60 -14.03
N VAL B 204 11.85 3.49 -14.75
CA VAL B 204 12.91 2.56 -14.35
C VAL B 204 14.30 3.16 -14.60
N GLU B 205 14.44 3.91 -15.70
CA GLU B 205 15.66 4.64 -15.99
C GLU B 205 15.94 5.64 -14.87
N ASN B 206 14.91 6.35 -14.40
CA ASN B 206 15.11 7.27 -13.28
CA ASN B 206 15.08 7.27 -13.28
C ASN B 206 15.52 6.54 -12.01
N LEU B 207 14.93 5.36 -11.78
CA LEU B 207 15.27 4.55 -10.61
C LEU B 207 16.72 4.07 -10.66
N LEU B 208 17.15 3.52 -11.79
CA LEU B 208 18.44 2.83 -11.89
C LEU B 208 19.57 3.78 -12.23
N GLY B 209 19.31 4.75 -13.12
CA GLY B 209 20.35 5.66 -13.59
C GLY B 209 20.98 6.54 -12.53
N GLN B 210 20.24 6.83 -11.46
CA GLN B 210 20.78 7.64 -10.38
C GLN B 210 21.74 6.88 -9.45
N LEU B 211 21.80 5.55 -9.57
CA LEU B 211 22.55 4.73 -8.61
C LEU B 211 24.06 4.77 -8.84
N ALA B 212 24.82 4.79 -7.74
CA ALA B 212 26.29 4.76 -7.83
C ALA B 212 26.73 3.52 -8.60
N GLY B 213 27.71 3.69 -9.46
CA GLY B 213 28.25 2.61 -10.27
C GLY B 213 27.51 2.38 -11.58
N ASN B 214 26.52 3.20 -11.89
CA ASN B 214 25.70 2.95 -13.07
C ASN B 214 26.54 2.98 -14.37
N GLN B 215 27.57 3.83 -14.40
CA GLN B 215 28.42 3.95 -15.60
C GLN B 215 29.33 2.75 -15.80
N ALA B 216 29.51 1.93 -14.76
CA ALA B 216 30.38 0.78 -14.84
C ALA B 216 29.70 -0.47 -15.40
N ILE B 217 28.38 -0.54 -15.34
CA ILE B 217 27.65 -1.74 -15.79
C ILE B 217 26.56 -1.48 -16.82
N VAL B 218 26.24 -2.52 -17.57
CA VAL B 218 25.18 -2.54 -18.56
C VAL B 218 24.04 -3.36 -17.95
N VAL B 219 22.85 -2.79 -17.84
CA VAL B 219 21.70 -3.48 -17.24
C VAL B 219 20.62 -3.68 -18.30
N HIS B 220 20.10 -4.90 -18.39
CA HIS B 220 18.93 -5.17 -19.21
C HIS B 220 17.90 -5.87 -18.37
N VAL B 221 16.63 -5.64 -18.71
CA VAL B 221 15.53 -6.44 -18.20
C VAL B 221 14.83 -7.01 -19.42
N TYR B 222 14.64 -8.33 -19.39
CA TYR B 222 14.01 -9.05 -20.49
C TYR B 222 12.70 -9.68 -20.02
N ASP B 223 11.71 -9.64 -20.91
CA ASP B 223 10.52 -10.48 -20.80
C ASP B 223 10.87 -11.77 -21.54
N ILE B 224 10.98 -12.85 -20.78
CA ILE B 224 11.42 -14.15 -21.30
C ILE B 224 10.29 -15.16 -21.24
N THR B 225 9.05 -14.66 -21.32
CA THR B 225 7.87 -15.52 -21.35
C THR B 225 7.97 -16.63 -22.40
N ASN B 226 8.44 -16.24 -23.58
CA ASN B 226 8.83 -17.19 -24.62
C ASN B 226 10.36 -17.22 -24.64
N ALA B 227 10.93 -18.29 -24.12
CA ALA B 227 12.40 -18.41 -24.04
C ALA B 227 13.11 -18.26 -25.39
N SER B 228 12.49 -18.69 -26.49
CA SER B 228 13.08 -18.51 -27.82
C SER B 228 12.90 -17.09 -28.39
N ASP B 229 12.14 -16.22 -27.70
CA ASP B 229 11.88 -14.88 -28.19
C ASP B 229 11.89 -13.89 -27.04
N PRO B 230 13.08 -13.68 -26.44
CA PRO B 230 13.20 -12.72 -25.36
C PRO B 230 12.91 -11.30 -25.86
N LEU B 231 12.16 -10.54 -25.08
CA LEU B 231 11.76 -9.19 -25.46
C LEU B 231 12.37 -8.21 -24.49
N VAL B 232 13.00 -7.15 -25.00
CA VAL B 232 13.59 -6.16 -24.14
C VAL B 232 12.47 -5.38 -23.47
N MET B 233 12.56 -5.28 -22.16
CA MET B 233 11.68 -4.44 -21.37
C MET B 233 12.44 -3.17 -20.97
N TYR B 234 13.74 -3.34 -20.64
CA TYR B 234 14.62 -2.23 -20.31
C TYR B 234 16.04 -2.47 -20.87
N GLY B 235 16.63 -1.42 -21.43
CA GLY B 235 18.02 -1.47 -21.91
C GLY B 235 18.13 -1.36 -23.43
N ASN B 236 19.34 -1.52 -23.95
CA ASN B 236 19.59 -1.36 -25.39
C ASN B 236 19.30 -2.67 -26.15
N GLN B 237 19.57 -2.67 -27.45
CA GLN B 237 19.18 -3.80 -28.31
C GLN B 237 20.31 -4.79 -28.56
N ASP B 238 21.44 -4.64 -27.87
CA ASP B 238 22.61 -5.50 -28.11
C ASP B 238 22.26 -6.98 -27.88
N GLU B 239 22.76 -7.83 -28.77
CA GLU B 239 22.46 -9.28 -28.74
C GLU B 239 23.40 -10.02 -27.80
N SER B 244 31.08 -11.28 -22.26
CA SER B 244 31.37 -12.54 -21.58
C SER B 244 30.77 -12.55 -20.17
N LEU B 245 31.38 -11.78 -19.27
CA LEU B 245 31.06 -11.83 -17.84
C LEU B 245 29.74 -11.12 -17.55
N SER B 246 28.67 -11.90 -17.50
CA SER B 246 27.35 -11.39 -17.11
C SER B 246 26.84 -12.09 -15.86
N HIS B 247 25.78 -11.55 -15.32
CA HIS B 247 25.12 -12.16 -14.21
C HIS B 247 23.63 -12.00 -14.42
N GLU B 248 22.88 -13.08 -14.17
CA GLU B 248 21.43 -13.08 -14.23
CA GLU B 248 21.44 -13.05 -14.23
C GLU B 248 20.88 -12.91 -12.81
N SER B 249 20.08 -11.87 -12.60
CA SER B 249 19.38 -11.69 -11.32
C SER B 249 17.88 -11.96 -11.51
N LYS B 250 17.29 -12.60 -10.51
CA LYS B 250 15.88 -12.99 -10.54
C LYS B 250 14.94 -11.78 -10.46
N LEU B 251 13.86 -11.80 -11.25
CA LEU B 251 12.73 -10.87 -11.11
C LEU B 251 11.45 -11.67 -11.13
N ASP B 252 10.53 -11.27 -10.28
CA ASP B 252 9.18 -11.83 -10.30
C ASP B 252 8.22 -10.67 -10.15
N PHE B 253 7.56 -10.32 -11.26
CA PHE B 253 6.62 -9.19 -11.28
C PHE B 253 5.18 -9.60 -10.98
N GLY B 254 4.95 -10.87 -10.68
CA GLY B 254 3.71 -11.30 -10.02
C GLY B 254 2.63 -11.89 -10.92
N ASP B 255 2.82 -11.86 -12.23
CA ASP B 255 1.87 -12.50 -13.16
C ASP B 255 2.44 -13.83 -13.63
N PRO B 256 1.86 -14.96 -13.19
CA PRO B 256 2.39 -16.29 -13.59
C PRO B 256 2.46 -16.56 -15.10
N PHE B 257 1.72 -15.77 -15.89
CA PHE B 257 1.71 -15.89 -17.35
C PHE B 257 2.99 -15.35 -17.98
N ARG B 258 3.71 -14.49 -17.26
CA ARG B 258 4.89 -13.84 -17.80
C ARG B 258 6.11 -14.22 -16.97
N LYS B 259 7.26 -14.19 -17.61
CA LYS B 259 8.52 -14.35 -16.87
C LYS B 259 9.49 -13.26 -17.27
N HIS B 260 10.32 -12.85 -16.32
CA HIS B 260 11.30 -11.81 -16.58
C HIS B 260 12.63 -12.16 -15.91
N LYS B 261 13.67 -11.47 -16.37
CA LYS B 261 15.00 -11.56 -15.71
C LYS B 261 15.76 -10.26 -15.91
N MET B 262 16.70 -10.00 -15.02
CA MET B 262 17.62 -8.87 -15.18
C MET B 262 18.98 -9.48 -15.51
N ILE B 263 19.67 -8.88 -16.45
CA ILE B 263 21.04 -9.26 -16.78
C ILE B 263 21.91 -8.04 -16.65
N CYS B 264 23.04 -8.19 -15.94
CA CYS B 264 24.02 -7.13 -15.82
C CYS B 264 25.39 -7.64 -16.29
N ARG B 265 26.15 -6.73 -16.90
CA ARG B 265 27.49 -6.99 -17.43
C ARG B 265 28.34 -5.76 -17.15
N TYR B 266 29.66 -5.92 -17.14
CA TYR B 266 30.52 -4.75 -17.15
C TYR B 266 30.64 -4.22 -18.57
N HIS B 267 30.95 -2.92 -18.72
CA HIS B 267 31.19 -2.33 -20.04
C HIS B 267 32.40 -2.95 -20.74
N GLN B 268 33.55 -2.98 -20.05
CA GLN B 268 34.77 -3.57 -20.59
CA GLN B 268 34.77 -3.58 -20.59
C GLN B 268 34.90 -5.03 -20.12
#